data_4DM5
#
_entry.id   4DM5
#
_cell.length_a   39.130
_cell.length_b   44.260
_cell.length_c   59.280
_cell.angle_alpha   94.20
_cell.angle_beta   93.92
_cell.angle_gamma   116.07
#
_symmetry.space_group_name_H-M   'P 1'
#
loop_
_entity.id
_entity.type
_entity.pdbx_description
1 polymer 'Osmotically inducible lipoprotein OsmE'
2 non-polymer GLYCEROL
3 water water
#
_entity_poly.entity_id   1
_entity_poly.type   'polypeptide(L)'
_entity_poly.pdbx_seq_one_letter_code
;(MSE)ASTKVQNPVNYITFRNEPLVKDVEKG(MSE)SQQEVLRIGGTPSGTQKRL(MSE)KPGSCNSYILNKDGQQQPFY
VSFDGSGKVDGSGFLSCSELDRHERDARPHHHHHH
;
_entity_poly.pdbx_strand_id   A,B,C,D
#
# COMPACT_ATOMS: atom_id res chain seq x y z
N PRO A 9 -8.85 -6.34 -2.04
CA PRO A 9 -10.07 -5.54 -1.82
C PRO A 9 -11.06 -6.29 -0.89
N VAL A 10 -11.38 -5.78 0.30
CA VAL A 10 -11.98 -6.67 1.29
C VAL A 10 -13.49 -6.49 1.05
N ASN A 11 -14.24 -7.59 1.07
CA ASN A 11 -15.72 -7.51 1.04
C ASN A 11 -16.17 -7.48 2.44
N TYR A 12 -16.48 -6.28 2.89
CA TYR A 12 -16.88 -6.09 4.27
C TYR A 12 -18.05 -6.96 4.66
N ILE A 13 -19.01 -7.22 3.78
CA ILE A 13 -20.16 -7.98 4.11
C ILE A 13 -19.72 -9.36 4.60
N THR A 14 -18.69 -9.94 4.00
CA THR A 14 -18.27 -11.30 4.43
C THR A 14 -17.92 -11.32 5.93
N PHE A 15 -17.34 -10.21 6.39
CA PHE A 15 -16.79 -10.21 7.74
C PHE A 15 -17.64 -9.48 8.75
N ARG A 16 -18.76 -8.92 8.34
CA ARG A 16 -19.45 -7.96 9.22
C ARG A 16 -19.91 -8.53 10.57
N ASN A 17 -20.08 -9.85 10.67
CA ASN A 17 -20.52 -10.46 11.90
C ASN A 17 -19.36 -11.01 12.73
N GLU A 18 -18.14 -10.85 12.22
CA GLU A 18 -16.96 -11.28 13.06
C GLU A 18 -16.93 -10.41 14.31
N PRO A 19 -16.76 -11.03 15.50
CA PRO A 19 -16.72 -10.25 16.73
C PRO A 19 -15.70 -9.10 16.74
N LEU A 20 -14.49 -9.33 16.16
CA LEU A 20 -13.56 -8.25 16.10
C LEU A 20 -14.02 -7.02 15.32
N VAL A 21 -14.87 -7.28 14.33
CA VAL A 21 -15.37 -6.25 13.43
C VAL A 21 -16.64 -5.69 14.04
N LYS A 22 -17.58 -6.52 14.50
CA LYS A 22 -18.84 -6.03 14.90
C LYS A 22 -18.84 -5.40 16.31
N ASP A 23 -17.95 -5.93 17.19
CA ASP A 23 -18.18 -5.59 18.61
C ASP A 23 -17.09 -4.75 19.25
N VAL A 24 -15.93 -4.62 18.60
CA VAL A 24 -14.84 -3.82 19.20
C VAL A 24 -15.12 -2.36 19.02
N GLU A 25 -15.07 -1.54 20.06
CA GLU A 25 -15.42 -0.14 19.99
C GLU A 25 -14.24 0.75 20.43
N LYS A 26 -14.13 2.01 19.93
CA LYS A 26 -13.21 2.99 20.41
C LYS A 26 -13.31 3.13 21.95
N GLY A 27 -12.20 3.19 22.63
CA GLY A 27 -12.16 3.40 24.05
C GLY A 27 -12.11 2.13 24.86
N SER A 29 -10.94 -1.38 26.55
CA SER A 29 -9.74 -1.86 27.16
C SER A 29 -9.17 -3.10 26.49
N GLN A 30 -7.87 -3.26 26.69
CA GLN A 30 -7.21 -4.44 26.18
C GLN A 30 -7.82 -5.74 26.61
N GLN A 31 -8.29 -5.82 27.87
CA GLN A 31 -8.88 -7.07 28.29
C GLN A 31 -10.25 -7.36 27.65
N GLU A 32 -11.04 -6.34 27.37
CA GLU A 32 -12.31 -6.55 26.70
C GLU A 32 -12.10 -7.01 25.24
N VAL A 33 -11.08 -6.40 24.59
CA VAL A 33 -10.81 -6.88 23.27
C VAL A 33 -10.35 -8.33 23.29
N LEU A 34 -9.51 -8.73 24.26
CA LEU A 34 -9.10 -10.14 24.32
C LEU A 34 -10.30 -11.14 24.47
N ARG A 35 -11.25 -10.72 25.31
CA ARG A 35 -12.46 -11.52 25.46
C ARG A 35 -13.34 -11.66 24.24
N ILE A 36 -13.43 -10.55 23.47
CA ILE A 36 -14.28 -10.55 22.31
C ILE A 36 -13.68 -11.30 21.19
N GLY A 37 -12.38 -11.08 21.01
CA GLY A 37 -11.69 -11.56 19.76
C GLY A 37 -10.87 -12.82 19.91
N GLY A 38 -10.61 -13.20 21.17
CA GLY A 38 -9.71 -14.37 21.39
C GLY A 38 -8.24 -14.03 21.22
N THR A 39 -7.41 -15.05 21.23
CA THR A 39 -5.96 -14.85 21.20
C THR A 39 -5.48 -14.23 19.88
N PRO A 40 -4.83 -13.07 19.98
CA PRO A 40 -4.19 -12.56 18.75
C PRO A 40 -3.22 -13.44 18.11
N SER A 41 -3.10 -13.39 16.79
CA SER A 41 -1.91 -14.02 16.16
C SER A 41 -0.62 -13.47 16.68
N GLY A 42 -0.60 -12.19 16.97
CA GLY A 42 0.55 -11.50 17.46
C GLY A 42 0.23 -10.17 18.14
N THR A 43 1.09 -9.68 19.02
CA THR A 43 0.96 -8.41 19.67
C THR A 43 2.30 -7.72 19.51
N GLN A 44 2.28 -6.42 19.48
CA GLN A 44 3.53 -5.64 19.42
C GLN A 44 3.31 -4.21 19.85
N LYS A 45 4.44 -3.57 20.20
CA LYS A 45 4.41 -2.21 20.48
C LYS A 45 4.24 -1.47 19.16
N ARG A 46 3.48 -0.36 19.15
CA ARG A 46 3.30 0.45 17.93
C ARG A 46 4.62 1.11 17.61
N LEU A 47 5.02 1.01 16.35
CA LEU A 47 6.30 1.59 16.00
C LEU A 47 6.36 3.08 16.13
N LYS A 49 3.68 5.44 17.28
CA LYS A 49 2.74 6.15 18.25
C LYS A 49 2.84 5.48 19.60
N PRO A 50 2.50 6.19 20.71
CA PRO A 50 2.39 5.38 21.94
C PRO A 50 1.29 4.31 21.74
N GLY A 51 1.46 3.19 22.43
CA GLY A 51 0.38 2.19 22.54
C GLY A 51 0.84 0.93 21.82
N SER A 52 -0.08 0.05 21.49
CA SER A 52 0.25 -1.25 21.11
C SER A 52 -0.78 -1.72 20.07
N CYS A 53 -0.46 -2.83 19.47
CA CYS A 53 -1.33 -3.29 18.33
C CYS A 53 -1.46 -4.82 18.44
N ASN A 54 -2.68 -5.32 18.20
CA ASN A 54 -2.90 -6.76 18.10
C ASN A 54 -3.21 -7.16 16.69
N SER A 55 -2.56 -8.22 16.24
CA SER A 55 -2.78 -8.66 14.80
C SER A 55 -3.61 -9.90 14.85
N TYR A 56 -4.53 -10.08 13.87
CA TYR A 56 -5.39 -11.29 13.75
C TYR A 56 -5.50 -11.72 12.33
N ILE A 57 -5.90 -12.97 12.16
CA ILE A 57 -6.32 -13.38 10.82
C ILE A 57 -7.78 -13.77 11.01
N LEU A 58 -8.67 -13.09 10.29
CA LEU A 58 -10.09 -13.49 10.32
C LEU A 58 -10.25 -14.63 9.35
N ASN A 59 -11.08 -15.60 9.73
CA ASN A 59 -11.28 -16.77 8.87
C ASN A 59 -12.77 -17.00 8.80
N LYS A 60 -13.35 -16.77 7.63
CA LYS A 60 -14.79 -16.87 7.51
C LYS A 60 -15.08 -17.37 6.12
N ASP A 61 -15.81 -18.49 6.05
CA ASP A 61 -16.33 -18.96 4.73
C ASP A 61 -15.19 -19.20 3.73
N GLY A 62 -14.13 -19.79 4.24
CA GLY A 62 -12.95 -20.12 3.45
C GLY A 62 -12.07 -18.99 3.00
N GLN A 63 -12.27 -17.81 3.60
CA GLN A 63 -11.52 -16.63 3.20
C GLN A 63 -10.77 -16.19 4.42
N GLN A 64 -9.49 -15.89 4.26
CA GLN A 64 -8.66 -15.33 5.32
C GLN A 64 -8.39 -13.83 5.05
N GLN A 65 -8.40 -13.06 6.16
CA GLN A 65 -8.23 -11.66 6.01
C GLN A 65 -7.52 -11.11 7.26
N PRO A 66 -6.38 -10.47 7.09
CA PRO A 66 -5.72 -9.82 8.22
C PRO A 66 -6.62 -8.73 8.82
N PHE A 67 -6.46 -8.53 10.14
CA PHE A 67 -7.19 -7.51 10.83
C PHE A 67 -6.31 -7.07 12.00
N TYR A 68 -6.47 -5.85 12.43
CA TYR A 68 -5.74 -5.34 13.64
C TYR A 68 -6.70 -4.60 14.54
N VAL A 69 -6.32 -4.53 15.81
CA VAL A 69 -6.87 -3.53 16.71
C VAL A 69 -5.72 -2.80 17.42
N SER A 70 -5.76 -1.48 17.34
CA SER A 70 -4.68 -0.72 18.01
C SER A 70 -5.22 -0.01 19.22
N PHE A 71 -4.26 0.24 20.14
CA PHE A 71 -4.57 0.86 21.37
C PHE A 71 -3.67 2.07 21.58
N ASP A 72 -4.25 3.17 22.12
CA ASP A 72 -3.43 4.34 22.40
C ASP A 72 -2.49 4.15 23.62
N GLY A 73 -1.78 5.20 24.01
CA GLY A 73 -0.83 5.06 25.15
C GLY A 73 -1.51 4.81 26.48
N SER A 74 -2.80 5.06 26.56
CA SER A 74 -3.56 4.82 27.79
C SER A 74 -4.05 3.39 27.84
N GLY A 75 -3.88 2.60 26.74
CA GLY A 75 -4.39 1.28 26.75
C GLY A 75 -5.78 1.11 26.12
N LYS A 76 -6.28 2.16 25.46
CA LYS A 76 -7.71 2.09 25.01
C LYS A 76 -7.77 2.00 23.49
N VAL A 77 -8.72 1.28 22.95
CA VAL A 77 -8.74 1.13 21.47
C VAL A 77 -8.83 2.51 20.82
N ASP A 78 -8.01 2.71 19.81
CA ASP A 78 -8.03 3.94 18.98
C ASP A 78 -8.14 3.58 17.50
N GLY A 79 -8.16 2.32 17.17
CA GLY A 79 -8.23 1.95 15.73
C GLY A 79 -8.43 0.50 15.49
N SER A 80 -8.87 0.17 14.28
CA SER A 80 -8.94 -1.20 13.85
C SER A 80 -9.07 -1.18 12.33
N GLY A 81 -8.80 -2.28 11.73
CA GLY A 81 -8.89 -2.24 10.23
C GLY A 81 -8.34 -3.53 9.64
N PHE A 82 -8.59 -3.64 8.31
CA PHE A 82 -8.32 -4.92 7.65
C PHE A 82 -6.89 -4.96 7.10
N LEU A 83 -5.92 -4.87 8.02
CA LEU A 83 -4.47 -5.01 7.68
C LEU A 83 -3.74 -5.48 8.93
N SER A 84 -2.54 -5.96 8.78
CA SER A 84 -1.76 -6.41 9.95
C SER A 84 -1.17 -5.26 10.69
N CYS A 85 -0.72 -5.55 11.92
CA CYS A 85 -0.03 -4.50 12.65
C CYS A 85 1.31 -4.01 11.97
N SER A 86 2.02 -4.90 11.29
CA SER A 86 3.24 -4.47 10.63
C SER A 86 2.92 -3.66 9.39
N GLU A 87 1.77 -3.94 8.72
CA GLU A 87 1.27 -3.02 7.72
C GLU A 87 0.93 -1.64 8.26
N LEU A 88 0.27 -1.63 9.40
CA LEU A 88 -0.06 -0.43 10.05
C LEU A 88 1.24 0.38 10.31
N ASP A 89 2.22 -0.31 10.86
CA ASP A 89 3.52 0.41 11.21
C ASP A 89 4.08 1.00 9.94
N ARG A 90 4.02 0.21 8.87
CA ARG A 90 4.52 0.67 7.49
C ARG A 90 3.77 1.97 7.09
N HIS A 91 2.44 1.99 7.23
CA HIS A 91 1.66 3.18 7.03
C HIS A 91 1.88 4.37 7.94
N GLU A 92 1.99 4.18 9.26
CA GLU A 92 2.19 5.33 10.13
C GLU A 92 3.60 5.94 9.90
N ARG A 93 4.57 5.13 9.43
N ARG A 93 4.56 5.11 9.44
CA ARG A 93 5.95 5.62 9.22
CA ARG A 93 5.94 5.58 9.21
C ARG A 93 6.00 6.52 8.01
C ARG A 93 5.89 6.57 8.06
N ASP A 94 5.31 6.10 6.96
CA ASP A 94 5.21 6.87 5.73
C ASP A 94 4.36 8.13 5.91
N ALA A 95 3.17 8.01 6.50
CA ALA A 95 2.20 9.11 6.49
C ALA A 95 2.61 10.26 7.38
N ASN B 8 4.06 -23.03 -1.03
CA ASN B 8 5.09 -23.20 -2.14
C ASN B 8 6.58 -22.83 -1.81
N PRO B 9 7.42 -23.87 -1.58
CA PRO B 9 8.85 -23.56 -1.45
C PRO B 9 9.37 -23.19 -2.86
N VAL B 10 10.42 -22.40 -2.94
CA VAL B 10 10.81 -21.87 -4.20
C VAL B 10 11.82 -22.96 -4.78
N ASN B 11 11.67 -23.37 -6.05
CA ASN B 11 12.73 -24.21 -6.68
C ASN B 11 13.76 -23.26 -7.24
N TYR B 12 14.82 -23.09 -6.49
CA TYR B 12 15.96 -22.18 -6.87
C TYR B 12 16.48 -22.45 -8.27
N ILE B 13 16.53 -23.68 -8.76
CA ILE B 13 17.00 -23.99 -10.08
C ILE B 13 16.19 -23.21 -11.08
N THR B 14 14.86 -23.11 -10.91
CA THR B 14 14.04 -22.39 -11.90
C THR B 14 14.53 -20.99 -12.14
N PHE B 15 14.99 -20.37 -11.07
CA PHE B 15 15.36 -18.93 -11.12
C PHE B 15 16.87 -18.66 -11.14
N ARG B 16 17.70 -19.66 -11.21
CA ARG B 16 19.12 -19.42 -11.01
C ARG B 16 19.76 -18.53 -12.06
N ASN B 17 19.17 -18.46 -13.25
CA ASN B 17 19.77 -17.61 -14.27
C ASN B 17 19.20 -16.20 -14.29
N GLU B 18 18.23 -15.92 -13.42
CA GLU B 18 17.64 -14.55 -13.42
C GLU B 18 18.75 -13.59 -13.01
N PRO B 19 18.88 -12.44 -13.70
CA PRO B 19 19.95 -11.53 -13.33
C PRO B 19 19.92 -11.08 -11.86
N LEU B 20 18.72 -10.86 -11.27
CA LEU B 20 18.70 -10.44 -9.87
C LEU B 20 19.16 -11.49 -8.93
N VAL B 21 19.04 -12.78 -9.35
CA VAL B 21 19.55 -13.89 -8.55
C VAL B 21 21.03 -14.13 -8.86
N LYS B 22 21.44 -14.24 -10.15
CA LYS B 22 22.76 -14.64 -10.45
C LYS B 22 23.79 -13.51 -10.30
N ASP B 23 23.37 -12.27 -10.51
CA ASP B 23 24.44 -11.25 -10.70
C ASP B 23 24.51 -10.20 -9.60
N VAL B 24 23.53 -10.13 -8.70
CA VAL B 24 23.59 -9.10 -7.64
C VAL B 24 24.50 -9.55 -6.56
N GLU B 25 25.31 -8.66 -6.04
N GLU B 25 25.46 -8.77 -6.11
CA GLU B 25 26.39 -9.04 -5.14
CA GLU B 25 26.29 -9.21 -5.00
C GLU B 25 26.32 -8.20 -3.84
C GLU B 25 26.28 -8.26 -3.85
N LYS B 26 26.71 -8.75 -2.70
CA LYS B 26 26.83 -7.92 -1.52
C LYS B 26 27.77 -6.73 -1.79
N GLY B 27 27.43 -5.56 -1.30
CA GLY B 27 28.26 -4.40 -1.43
C GLY B 27 27.92 -3.58 -2.66
N SER B 29 26.10 -1.15 -5.42
CA SER B 29 25.34 0.05 -5.36
C SER B 29 23.92 -0.07 -5.90
N GLN B 30 23.09 0.83 -5.41
CA GLN B 30 21.74 0.95 -5.99
C GLN B 30 21.66 1.09 -7.45
N GLN B 31 22.59 1.92 -8.03
CA GLN B 31 22.50 2.03 -9.47
C GLN B 31 22.86 0.79 -10.24
N GLU B 32 23.83 0.02 -9.77
CA GLU B 32 24.19 -1.25 -10.45
C GLU B 32 23.02 -2.30 -10.37
N VAL B 33 22.34 -2.31 -9.18
CA VAL B 33 21.24 -3.23 -9.13
C VAL B 33 20.12 -2.82 -10.07
N LEU B 34 19.89 -1.51 -10.25
CA LEU B 34 18.84 -1.05 -11.18
C LEU B 34 19.16 -1.48 -12.62
N ARG B 35 20.44 -1.40 -13.00
CA ARG B 35 20.88 -1.82 -14.34
C ARG B 35 20.70 -3.31 -14.58
N ILE B 36 21.06 -4.10 -13.54
CA ILE B 36 20.98 -5.55 -13.65
C ILE B 36 19.62 -6.06 -13.75
N GLY B 37 18.79 -5.56 -12.81
CA GLY B 37 17.42 -6.09 -12.57
C GLY B 37 16.26 -5.35 -13.20
N GLY B 38 16.52 -4.11 -13.64
CA GLY B 38 15.44 -3.31 -14.24
C GLY B 38 14.55 -2.66 -13.17
N THR B 39 13.41 -2.10 -13.57
CA THR B 39 12.59 -1.33 -12.66
C THR B 39 11.94 -2.28 -11.61
N PRO B 40 12.15 -2.00 -10.33
CA PRO B 40 11.40 -2.70 -9.26
C PRO B 40 9.95 -2.54 -9.36
N SER B 41 9.15 -3.50 -8.88
CA SER B 41 7.74 -3.23 -8.67
C SER B 41 7.52 -2.11 -7.71
N GLY B 42 8.30 -2.06 -6.65
CA GLY B 42 8.30 -0.96 -5.72
C GLY B 42 9.57 -0.86 -4.90
N THR B 43 9.76 0.25 -4.18
CA THR B 43 10.92 0.47 -3.34
C THR B 43 10.33 1.03 -2.05
N GLN B 44 11.02 0.79 -0.97
CA GLN B 44 10.67 1.50 0.25
C GLN B 44 11.81 1.61 1.20
N LYS B 45 11.72 2.51 2.15
CA LYS B 45 12.76 2.61 3.15
C LYS B 45 12.47 1.43 4.04
N ARG B 46 13.49 0.87 4.64
CA ARG B 46 13.34 -0.25 5.51
C ARG B 46 12.62 0.13 6.78
N LEU B 47 11.79 -0.77 7.28
CA LEU B 47 10.91 -0.36 8.36
C LEU B 47 11.67 -0.14 9.66
N LYS B 49 15.35 -0.88 10.08
CA LYS B 49 16.83 -0.67 9.90
C LYS B 49 17.07 0.57 9.01
N PRO B 50 18.23 1.27 9.16
CA PRO B 50 18.60 2.13 8.02
C PRO B 50 18.65 1.38 6.66
N GLY B 51 18.40 2.11 5.61
CA GLY B 51 18.56 1.52 4.30
C GLY B 51 17.22 1.37 3.61
N SER B 52 17.17 0.55 2.59
CA SER B 52 16.04 0.49 1.75
C SER B 52 15.92 -0.86 1.10
N CYS B 53 14.79 -1.08 0.43
CA CYS B 53 14.55 -2.37 -0.16
C CYS B 53 13.82 -2.21 -1.49
N ASN B 54 14.17 -2.99 -2.43
CA ASN B 54 13.50 -3.03 -3.73
C ASN B 54 12.74 -4.34 -3.84
N SER B 55 11.50 -4.28 -4.29
CA SER B 55 10.65 -5.49 -4.40
C SER B 55 10.48 -5.83 -5.86
N TYR B 56 10.51 -7.09 -6.27
CA TYR B 56 10.35 -7.53 -7.62
C TYR B 56 9.46 -8.75 -7.68
N ILE B 57 8.94 -8.96 -8.88
CA ILE B 57 8.30 -10.28 -9.17
C ILE B 57 9.11 -10.89 -10.29
N LEU B 58 9.75 -12.00 -10.02
CA LEU B 58 10.49 -12.73 -11.03
C LEU B 58 9.48 -13.51 -11.83
N ASN B 59 9.68 -13.62 -13.14
CA ASN B 59 8.64 -14.30 -13.99
C ASN B 59 9.45 -15.13 -14.92
N LYS B 60 9.46 -16.43 -14.75
CA LYS B 60 10.29 -17.32 -15.60
C LYS B 60 9.48 -18.57 -15.85
N ASP B 61 9.27 -18.89 -17.15
CA ASP B 61 8.65 -20.17 -17.53
C ASP B 61 7.24 -20.31 -16.88
N GLY B 62 6.47 -19.25 -16.94
CA GLY B 62 5.10 -19.21 -16.43
C GLY B 62 4.97 -19.20 -14.92
N GLN B 63 6.10 -19.04 -14.21
CA GLN B 63 6.03 -19.02 -12.75
C GLN B 63 6.41 -17.66 -12.25
N GLN B 64 5.66 -17.10 -11.30
CA GLN B 64 5.98 -15.84 -10.74
C GLN B 64 6.46 -16.04 -9.29
N GLN B 65 7.42 -15.22 -8.90
CA GLN B 65 8.03 -15.42 -7.63
C GLN B 65 8.47 -14.06 -7.10
N PRO B 66 8.04 -13.63 -5.91
CA PRO B 66 8.58 -12.43 -5.26
C PRO B 66 10.04 -12.56 -4.96
N PHE B 67 10.75 -11.41 -5.08
CA PHE B 67 12.18 -11.36 -4.78
C PHE B 67 12.44 -9.96 -4.24
N TYR B 68 13.44 -9.79 -3.39
CA TYR B 68 13.80 -8.45 -2.93
C TYR B 68 15.35 -8.34 -2.96
N VAL B 69 15.81 -7.07 -3.09
CA VAL B 69 17.21 -6.76 -2.76
C VAL B 69 17.18 -5.63 -1.75
N SER B 70 17.93 -5.80 -0.64
CA SER B 70 17.99 -4.76 0.35
C SER B 70 19.34 -4.08 0.39
N PHE B 71 19.27 -2.85 0.89
CA PHE B 71 20.50 -2.05 0.95
C PHE B 71 20.68 -1.46 2.35
N ASP B 72 21.93 -1.44 2.78
CA ASP B 72 22.22 -0.87 4.10
C ASP B 72 22.13 0.66 4.08
N GLY B 73 22.42 1.28 5.22
CA GLY B 73 22.29 2.76 5.28
C GLY B 73 23.32 3.48 4.41
N SER B 74 24.33 2.78 3.92
CA SER B 74 25.31 3.39 3.03
C SER B 74 24.89 3.27 1.55
N GLY B 75 23.74 2.62 1.27
CA GLY B 75 23.35 2.40 -0.07
C GLY B 75 23.93 1.17 -0.73
N LYS B 76 24.45 0.21 0.02
CA LYS B 76 25.08 -0.96 -0.58
C LYS B 76 24.30 -2.23 -0.30
N VAL B 77 24.23 -3.13 -1.27
CA VAL B 77 23.43 -4.33 -0.99
C VAL B 77 23.87 -5.05 0.28
N ASP B 78 22.90 -5.41 1.14
CA ASP B 78 23.22 -6.26 2.29
C ASP B 78 22.31 -7.50 2.33
N GLY B 79 21.48 -7.68 1.36
CA GLY B 79 20.55 -8.87 1.39
C GLY B 79 19.77 -8.99 0.14
N SER B 80 19.30 -10.21 -0.09
CA SER B 80 18.35 -10.46 -1.14
C SER B 80 17.66 -11.79 -0.80
N GLY B 81 16.55 -12.04 -1.46
CA GLY B 81 15.82 -13.31 -1.10
C GLY B 81 14.51 -13.38 -1.77
N PHE B 82 13.89 -14.56 -1.66
CA PHE B 82 12.71 -14.89 -2.45
C PHE B 82 11.45 -14.51 -1.63
N LEU B 83 11.30 -13.26 -1.31
CA LEU B 83 10.11 -12.71 -0.62
C LEU B 83 10.02 -11.23 -0.91
N SER B 84 8.91 -10.60 -0.64
CA SER B 84 8.77 -9.20 -0.91
C SER B 84 9.34 -8.37 0.19
N CYS B 85 9.51 -7.06 -0.09
CA CYS B 85 9.96 -6.19 0.94
C CYS B 85 8.96 -6.04 2.14
N SER B 86 7.68 -6.13 1.83
CA SER B 86 6.63 -6.06 2.91
C SER B 86 6.76 -7.28 3.77
N GLU B 87 7.00 -8.45 3.19
CA GLU B 87 7.26 -9.66 3.96
C GLU B 87 8.54 -9.58 4.74
N LEU B 88 9.58 -9.02 4.15
CA LEU B 88 10.81 -8.73 4.85
C LEU B 88 10.48 -7.84 6.07
N ASP B 89 9.76 -6.78 5.86
CA ASP B 89 9.43 -5.91 7.04
C ASP B 89 8.68 -6.67 8.15
N ARG B 90 7.77 -7.60 7.81
CA ARG B 90 7.05 -8.40 8.83
C ARG B 90 8.04 -9.22 9.62
N HIS B 91 9.02 -9.83 8.92
CA HIS B 91 10.08 -10.54 9.64
C HIS B 91 10.87 -9.72 10.56
N GLU B 92 11.33 -8.58 10.07
CA GLU B 92 12.16 -7.67 10.87
C GLU B 92 11.36 -7.14 12.07
N ARG B 93 10.09 -6.78 11.84
CA ARG B 93 9.29 -6.34 12.95
C ARG B 93 9.02 -7.43 13.98
N ASP B 94 8.83 -8.68 13.55
CA ASP B 94 8.46 -9.78 14.47
C ASP B 94 9.69 -10.16 15.30
N ALA B 95 10.87 -10.00 14.69
CA ALA B 95 12.15 -10.20 15.37
C ALA B 95 12.29 -9.21 16.54
N ARG B 96 11.80 -7.98 16.36
CA ARG B 96 11.88 -6.92 17.40
C ARG B 96 10.50 -6.36 17.84
N PRO B 97 9.64 -7.19 18.50
CA PRO B 97 8.21 -6.78 18.71
C PRO B 97 8.03 -5.71 19.80
N HIS B 98 9.08 -5.43 20.55
CA HIS B 98 8.96 -4.46 21.69
C HIS B 98 9.53 -3.11 21.34
N HIS B 99 10.17 -3.01 20.18
CA HIS B 99 10.81 -1.78 19.76
C HIS B 99 9.82 -0.72 19.27
N HIS B 100 10.16 0.56 19.41
CA HIS B 100 9.40 1.69 18.81
C HIS B 100 10.37 2.78 18.43
N HIS B 101 9.92 3.68 17.57
CA HIS B 101 10.79 4.72 17.01
C HIS B 101 10.45 6.08 17.54
N HIS B 102 9.40 6.16 18.35
CA HIS B 102 8.89 7.46 18.81
C HIS B 102 9.39 7.95 20.15
N PRO C 9 -6.33 1.67 3.59
CA PRO C 9 -5.72 2.24 4.78
C PRO C 9 -6.75 2.70 5.83
N VAL C 10 -7.91 2.09 5.86
CA VAL C 10 -9.09 2.75 6.43
C VAL C 10 -9.01 2.41 7.89
N ASN C 11 -9.28 3.38 8.79
CA ASN C 11 -9.42 3.07 10.21
C ASN C 11 -10.83 2.77 10.30
N TYR C 12 -11.19 1.48 10.38
CA TYR C 12 -12.53 1.04 10.44
C TYR C 12 -13.28 1.66 11.62
N ILE C 13 -12.62 1.81 12.75
CA ILE C 13 -13.28 2.37 13.96
C ILE C 13 -13.88 3.75 13.63
N THR C 14 -13.22 4.56 12.84
CA THR C 14 -13.74 5.85 12.53
C THR C 14 -15.16 5.81 11.94
N PHE C 15 -15.36 4.81 11.09
CA PHE C 15 -16.56 4.73 10.28
C PHE C 15 -17.52 3.67 10.74
N ARG C 16 -17.22 2.98 11.82
CA ARG C 16 -18.01 1.81 12.16
C ARG C 16 -19.46 2.06 12.58
N ASN C 17 -19.78 3.30 12.88
CA ASN C 17 -21.19 3.56 13.21
C ASN C 17 -21.98 4.15 12.10
N GLU C 18 -21.36 4.31 10.93
CA GLU C 18 -22.08 4.78 9.76
C GLU C 18 -23.13 3.77 9.38
N PRO C 19 -24.40 4.21 9.11
CA PRO C 19 -25.38 3.21 8.77
C PRO C 19 -25.03 2.33 7.60
N LEU C 20 -24.40 2.88 6.57
CA LEU C 20 -23.99 2.01 5.46
C LEU C 20 -23.08 0.87 5.89
N VAL C 21 -22.26 1.17 6.90
CA VAL C 21 -21.28 0.12 7.38
C VAL C 21 -22.00 -0.73 8.40
N LYS C 22 -22.68 -0.12 9.34
CA LYS C 22 -23.27 -0.87 10.50
C LYS C 22 -24.52 -1.66 10.15
N ASP C 23 -25.33 -1.15 9.25
CA ASP C 23 -26.75 -1.60 9.15
C ASP C 23 -27.07 -2.30 7.83
N VAL C 24 -26.25 -2.14 6.79
CA VAL C 24 -26.49 -2.87 5.48
C VAL C 24 -26.17 -4.31 5.69
N GLU C 25 -27.05 -5.19 5.27
CA GLU C 25 -26.82 -6.64 5.47
C GLU C 25 -27.03 -7.36 4.14
N LYS C 26 -26.36 -8.52 4.02
CA LYS C 26 -26.50 -9.33 2.83
C LYS C 26 -27.97 -9.60 2.60
N GLY C 27 -28.38 -9.53 1.36
CA GLY C 27 -29.74 -9.91 0.99
C GLY C 27 -30.74 -8.76 1.00
N SER C 29 -32.70 -5.37 -0.18
CA SER C 29 -32.98 -4.85 -1.48
C SER C 29 -32.43 -3.49 -1.77
N GLN C 30 -32.35 -3.18 -3.07
CA GLN C 30 -31.95 -1.87 -3.49
C GLN C 30 -32.70 -0.75 -2.76
N GLN C 31 -34.02 -0.89 -2.65
CA GLN C 31 -34.80 0.13 -2.03
C GLN C 31 -34.53 0.22 -0.53
N GLU C 32 -34.29 -0.91 0.13
CA GLU C 32 -33.96 -0.80 1.55
C GLU C 32 -32.59 -0.08 1.79
N VAL C 33 -31.59 -0.39 0.97
CA VAL C 33 -30.26 0.27 1.16
C VAL C 33 -30.38 1.79 0.97
N LEU C 34 -31.27 2.18 0.01
CA LEU C 34 -31.54 3.60 -0.15
C LEU C 34 -32.13 4.24 1.09
N ARG C 35 -33.07 3.55 1.72
CA ARG C 35 -33.62 4.03 2.98
C ARG C 35 -32.57 4.21 4.05
N ILE C 36 -31.74 3.19 4.26
CA ILE C 36 -30.92 3.12 5.42
C ILE C 36 -29.72 4.04 5.27
N GLY C 37 -29.20 4.15 4.07
CA GLY C 37 -27.99 4.94 3.83
C GLY C 37 -28.09 6.24 3.09
N GLY C 38 -29.32 6.57 2.66
CA GLY C 38 -29.59 7.81 1.96
C GLY C 38 -29.05 7.80 0.54
N THR C 39 -28.92 9.02 -0.01
CA THR C 39 -28.66 9.10 -1.47
C THR C 39 -27.26 8.73 -1.84
N PRO C 40 -27.10 7.82 -2.79
CA PRO C 40 -25.77 7.55 -3.24
C PRO C 40 -25.05 8.70 -3.91
N SER C 41 -23.72 8.68 -3.99
CA SER C 41 -23.07 9.64 -4.88
C SER C 41 -23.49 9.25 -6.29
N GLY C 42 -23.66 7.95 -6.50
CA GLY C 42 -24.04 7.47 -7.82
C GLY C 42 -24.29 6.00 -7.78
N THR C 43 -24.93 5.47 -8.82
CA THR C 43 -25.48 4.14 -8.81
C THR C 43 -25.38 3.72 -10.27
N GLN C 44 -24.93 2.50 -10.51
CA GLN C 44 -24.75 2.07 -11.93
C GLN C 44 -24.75 0.53 -12.00
N LYS C 45 -24.98 0.04 -13.20
CA LYS C 45 -24.77 -1.36 -13.45
C LYS C 45 -23.35 -1.82 -13.17
N ARG C 46 -23.22 -3.08 -12.73
CA ARG C 46 -21.87 -3.62 -12.54
C ARG C 46 -21.26 -3.87 -13.85
N LEU C 47 -19.99 -3.50 -13.95
CA LEU C 47 -19.29 -3.78 -15.22
C LEU C 47 -19.19 -5.31 -15.51
N LYS C 49 -20.27 -8.19 -13.72
CA LYS C 49 -21.23 -9.23 -13.29
C LYS C 49 -22.66 -8.71 -13.38
N PRO C 50 -23.66 -9.63 -13.34
CA PRO C 50 -25.04 -9.28 -13.04
C PRO C 50 -25.17 -8.33 -11.81
N GLY C 51 -26.09 -7.39 -11.89
CA GLY C 51 -26.47 -6.59 -10.69
C GLY C 51 -25.97 -5.17 -10.76
N SER C 52 -25.89 -4.50 -9.62
CA SER C 52 -25.68 -3.09 -9.62
C SER C 52 -24.82 -2.71 -8.42
N CYS C 53 -24.48 -1.46 -8.35
CA CYS C 53 -23.49 -1.03 -7.33
C CYS C 53 -23.88 0.43 -7.03
N ASN C 54 -23.97 0.74 -5.73
CA ASN C 54 -24.10 2.13 -5.26
C ASN C 54 -22.82 2.63 -4.64
N SER C 55 -22.37 3.83 -5.02
CA SER C 55 -21.12 4.39 -4.42
C SER C 55 -21.50 5.54 -3.54
N TYR C 56 -20.59 5.74 -2.56
CA TYR C 56 -20.81 6.73 -1.51
C TYR C 56 -19.46 7.34 -1.13
N ILE C 57 -19.53 8.54 -0.61
CA ILE C 57 -18.42 9.05 0.14
C ILE C 57 -18.88 9.20 1.62
N LEU C 58 -18.34 8.34 2.53
CA LEU C 58 -18.58 8.51 3.96
C LEU C 58 -17.86 9.77 4.42
N ASN C 59 -18.56 10.55 5.22
CA ASN C 59 -18.03 11.76 5.79
C ASN C 59 -18.29 11.82 7.28
N LYS C 60 -17.21 11.69 8.03
CA LYS C 60 -17.32 11.66 9.46
C LYS C 60 -16.06 12.26 10.11
N ASP C 61 -16.34 13.16 11.07
CA ASP C 61 -15.30 13.69 11.95
C ASP C 61 -14.22 14.29 11.02
N GLY C 62 -14.67 14.95 9.98
CA GLY C 62 -13.82 15.63 9.03
C GLY C 62 -12.98 14.76 8.13
N GLN C 63 -13.38 13.49 7.95
CA GLN C 63 -12.60 12.56 7.15
C GLN C 63 -13.56 11.97 6.12
N GLN C 64 -13.06 11.84 4.92
CA GLN C 64 -13.90 11.31 3.86
CA GLN C 64 -13.80 11.38 3.72
C GLN C 64 -13.37 9.98 3.42
N GLN C 65 -14.29 9.05 3.09
CA GLN C 65 -13.83 7.71 2.71
C GLN C 65 -14.79 7.08 1.70
N PRO C 66 -14.29 6.68 0.54
CA PRO C 66 -15.23 6.03 -0.42
C PRO C 66 -15.76 4.69 0.16
N PHE C 67 -16.97 4.35 -0.28
CA PHE C 67 -17.66 3.11 0.18
C PHE C 67 -18.62 2.68 -0.88
N TYR C 68 -18.82 1.37 -0.99
CA TYR C 68 -19.74 0.84 -1.98
C TYR C 68 -20.68 -0.17 -1.35
N VAL C 69 -21.87 -0.34 -1.92
CA VAL C 69 -22.76 -1.47 -1.68
C VAL C 69 -23.12 -2.14 -2.97
N SER C 70 -22.85 -3.40 -3.14
CA SER C 70 -23.15 -4.09 -4.46
C SER C 70 -24.26 -5.09 -4.32
N PHE C 71 -25.00 -5.21 -5.43
CA PHE C 71 -26.22 -6.06 -5.43
C PHE C 71 -26.08 -7.07 -6.55
N ASP C 72 -26.55 -8.31 -6.30
CA ASP C 72 -26.41 -9.35 -7.35
C ASP C 72 -27.53 -9.12 -8.37
N GLY C 73 -27.58 -10.01 -9.34
CA GLY C 73 -28.56 -9.86 -10.42
C GLY C 73 -30.00 -9.94 -9.99
N SER C 74 -30.24 -10.53 -8.82
CA SER C 74 -31.58 -10.51 -8.26
C SER C 74 -31.96 -9.21 -7.55
N GLY C 75 -30.99 -8.29 -7.36
CA GLY C 75 -31.25 -7.08 -6.67
C GLY C 75 -30.98 -7.05 -5.15
N LYS C 76 -30.26 -8.05 -4.66
CA LYS C 76 -30.06 -8.21 -3.26
C LYS C 76 -28.56 -7.93 -2.93
N VAL C 77 -28.31 -7.27 -1.78
CA VAL C 77 -26.90 -6.98 -1.42
C VAL C 77 -26.09 -8.28 -1.44
N ASP C 78 -24.92 -8.20 -2.07
CA ASP C 78 -23.93 -9.26 -2.02
C ASP C 78 -22.52 -8.81 -1.63
N GLY C 79 -22.36 -7.53 -1.38
CA GLY C 79 -20.99 -7.03 -0.98
C GLY C 79 -21.07 -5.61 -0.57
N SER C 80 -20.03 -5.17 0.13
CA SER C 80 -19.85 -3.76 0.46
C SER C 80 -18.37 -3.63 0.80
N GLY C 81 -17.91 -2.42 0.79
CA GLY C 81 -16.51 -2.25 1.24
C GLY C 81 -16.00 -0.84 1.01
N PHE C 82 -14.77 -0.59 1.43
CA PHE C 82 -14.23 0.78 1.52
C PHE C 82 -13.50 1.17 0.24
N LEU C 83 -14.25 1.24 -0.86
CA LEU C 83 -13.72 1.68 -2.19
C LEU C 83 -14.94 2.00 -3.03
N SER C 84 -14.73 2.73 -4.14
CA SER C 84 -15.85 3.17 -4.96
C SER C 84 -16.32 2.08 -5.91
N CYS C 85 -17.56 2.20 -6.46
CA CYS C 85 -18.02 1.20 -7.45
C CYS C 85 -17.03 1.21 -8.62
N SER C 86 -16.54 2.39 -8.99
CA SER C 86 -15.70 2.53 -10.19
C SER C 86 -14.34 1.86 -9.89
N GLU C 87 -13.88 1.94 -8.66
CA GLU C 87 -12.64 1.27 -8.29
C GLU C 87 -12.85 -0.24 -8.20
N LEU C 88 -14.02 -0.69 -7.71
CA LEU C 88 -14.32 -2.11 -7.60
C LEU C 88 -14.46 -2.72 -9.04
N ASP C 89 -15.11 -1.99 -9.94
CA ASP C 89 -15.13 -2.41 -11.37
C ASP C 89 -13.73 -2.65 -11.88
N ARG C 90 -12.86 -1.67 -11.63
CA ARG C 90 -11.49 -1.69 -12.13
C ARG C 90 -10.71 -2.88 -11.60
N HIS C 91 -10.93 -3.25 -10.33
CA HIS C 91 -10.26 -4.44 -9.76
C HIS C 91 -10.74 -5.74 -10.34
N GLU C 92 -12.05 -5.87 -10.53
CA GLU C 92 -12.62 -7.10 -11.06
C GLU C 92 -12.40 -7.27 -12.55
N ARG C 93 -11.98 -6.19 -13.20
CA ARG C 93 -11.46 -6.16 -14.56
C ARG C 93 -9.98 -6.58 -14.61
N ASP C 94 -9.38 -6.90 -13.45
CA ASP C 94 -7.91 -7.02 -13.36
C ASP C 94 -7.36 -8.29 -12.74
N ALA C 95 -8.20 -9.16 -12.20
CA ALA C 95 -7.67 -10.38 -11.58
C ALA C 95 -8.51 -11.62 -11.85
N ASN D 8 6.65 23.30 -1.32
CA ASN D 8 5.66 23.72 -2.36
C ASN D 8 4.65 24.70 -1.76
N PRO D 9 4.57 25.91 -2.34
CA PRO D 9 5.10 26.29 -3.68
C PRO D 9 6.64 26.26 -3.80
N VAL D 10 7.11 25.84 -4.96
CA VAL D 10 8.54 25.58 -5.13
C VAL D 10 9.07 26.84 -5.78
N ASN D 11 10.26 27.30 -5.33
CA ASN D 11 10.94 28.39 -6.03
C ASN D 11 11.79 27.75 -7.02
N TYR D 12 11.29 27.72 -8.24
CA TYR D 12 11.96 27.02 -9.33
C TYR D 12 13.42 27.55 -9.51
N ILE D 13 13.64 28.85 -9.36
CA ILE D 13 15.03 29.42 -9.47
C ILE D 13 16.02 28.69 -8.54
N THR D 14 15.60 28.30 -7.36
CA THR D 14 16.50 27.63 -6.43
C THR D 14 17.12 26.37 -7.06
N PHE D 15 16.28 25.65 -7.82
CA PHE D 15 16.63 24.29 -8.29
C PHE D 15 16.86 24.25 -9.77
N ARG D 16 16.89 25.38 -10.49
CA ARG D 16 16.86 25.38 -11.97
C ARG D 16 18.18 24.86 -12.59
N ASN D 17 19.26 24.87 -11.78
CA ASN D 17 20.53 24.34 -12.34
C ASN D 17 20.78 22.91 -11.95
N GLU D 18 19.82 22.26 -11.23
CA GLU D 18 19.99 20.83 -10.91
C GLU D 18 19.95 20.03 -12.21
N PRO D 19 20.86 19.03 -12.41
CA PRO D 19 20.83 18.29 -13.66
C PRO D 19 19.46 17.66 -13.95
N LEU D 20 18.80 17.10 -12.93
CA LEU D 20 17.50 16.49 -13.20
C LEU D 20 16.44 17.46 -13.72
N VAL D 21 16.57 18.74 -13.32
CA VAL D 21 15.67 19.75 -13.75
C VAL D 21 16.15 20.28 -15.11
N LYS D 22 17.43 20.64 -15.22
CA LYS D 22 17.95 21.38 -16.40
C LYS D 22 18.18 20.45 -17.61
N ASP D 23 18.58 19.21 -17.42
CA ASP D 23 19.19 18.42 -18.50
C ASP D 23 18.31 17.23 -18.90
N VAL D 24 17.32 16.83 -18.12
CA VAL D 24 16.47 15.70 -18.51
C VAL D 24 15.52 16.16 -19.56
N GLU D 25 15.37 15.44 -20.64
CA GLU D 25 14.45 15.87 -21.71
C GLU D 25 13.49 14.72 -22.05
N LYS D 26 12.38 15.10 -22.68
CA LYS D 26 11.44 14.10 -23.13
C LYS D 26 12.14 13.13 -24.10
N GLY D 27 11.83 11.83 -23.96
CA GLY D 27 12.37 10.82 -24.85
C GLY D 27 13.68 10.17 -24.41
N SER D 29 16.22 7.77 -22.30
CA SER D 29 16.07 6.47 -21.74
C SER D 29 16.35 6.41 -20.26
N GLN D 30 15.85 5.34 -19.65
N GLN D 30 15.88 5.35 -19.58
CA GLN D 30 16.09 5.07 -18.25
CA GLN D 30 16.16 5.18 -18.14
C GLN D 30 17.59 5.15 -17.81
C GLN D 30 17.66 5.21 -17.79
N GLN D 31 18.45 4.50 -18.60
CA GLN D 31 19.88 4.55 -18.38
C GLN D 31 20.48 5.96 -18.48
N GLU D 32 19.97 6.76 -19.43
CA GLU D 32 20.51 8.07 -19.59
C GLU D 32 20.13 8.96 -18.39
N VAL D 33 18.90 8.85 -17.93
CA VAL D 33 18.47 9.65 -16.76
C VAL D 33 19.26 9.24 -15.52
N LEU D 34 19.59 7.93 -15.44
CA LEU D 34 20.39 7.51 -14.34
C LEU D 34 21.77 8.10 -14.42
N ARG D 35 22.37 8.14 -15.61
CA ARG D 35 23.70 8.79 -15.80
C ARG D 35 23.65 10.28 -15.41
N ILE D 36 22.62 11.00 -15.86
CA ILE D 36 22.56 12.43 -15.64
C ILE D 36 22.20 12.85 -14.21
N GLY D 37 21.22 12.15 -13.62
CA GLY D 37 20.75 12.49 -12.31
C GLY D 37 21.20 11.74 -11.10
N GLY D 38 21.92 10.65 -11.39
CA GLY D 38 22.52 9.81 -10.37
C GLY D 38 21.45 8.98 -9.70
N THR D 39 21.72 8.56 -8.49
CA THR D 39 20.86 7.50 -7.91
C THR D 39 19.51 8.02 -7.41
N PRO D 40 18.42 7.42 -7.84
CA PRO D 40 17.12 7.81 -7.33
C PRO D 40 16.96 7.53 -5.87
N SER D 41 16.07 8.25 -5.21
CA SER D 41 15.63 7.95 -3.87
C SER D 41 14.93 6.57 -3.97
N GLY D 42 13.95 6.48 -4.88
CA GLY D 42 13.37 5.18 -5.21
C GLY D 42 12.93 5.13 -6.65
N THR D 43 12.45 3.98 -7.02
CA THR D 43 12.12 3.74 -8.46
C THR D 43 11.14 2.61 -8.55
N GLN D 44 10.10 2.76 -9.31
CA GLN D 44 8.96 1.84 -9.22
C GLN D 44 8.22 1.83 -10.56
N LYS D 45 7.49 0.77 -10.78
CA LYS D 45 6.47 0.74 -11.84
C LYS D 45 5.38 1.79 -11.51
N ARG D 46 4.84 2.41 -12.57
CA ARG D 46 3.74 3.33 -12.39
C ARG D 46 2.50 2.61 -11.98
N LEU D 47 1.74 3.21 -11.07
CA LEU D 47 0.48 2.58 -10.67
C LEU D 47 -0.57 2.69 -11.81
N LYS D 49 -0.58 3.70 -15.11
CA LYS D 49 -0.38 3.35 -16.51
C LYS D 49 0.94 2.63 -16.79
N PRO D 50 1.20 2.34 -18.09
CA PRO D 50 2.47 1.68 -18.37
C PRO D 50 3.69 2.59 -18.05
N GLY D 51 4.78 1.99 -17.69
CA GLY D 51 6.11 2.64 -17.62
C GLY D 51 6.50 2.67 -16.16
N SER D 52 7.35 3.65 -15.80
CA SER D 52 8.01 3.64 -14.51
C SER D 52 8.29 5.06 -14.08
N CYS D 53 8.77 5.20 -12.84
CA CYS D 53 8.91 6.55 -12.29
C CYS D 53 10.10 6.48 -11.36
N ASN D 54 11.05 7.41 -11.50
CA ASN D 54 12.14 7.64 -10.54
C ASN D 54 11.88 8.82 -9.60
N SER D 55 12.00 8.65 -8.28
CA SER D 55 11.80 9.70 -7.29
C SER D 55 13.12 10.12 -6.78
N TYR D 56 13.21 11.44 -6.45
CA TYR D 56 14.42 11.99 -5.97
C TYR D 56 14.10 13.06 -4.90
N ILE D 57 15.12 13.36 -4.10
CA ILE D 57 15.05 14.55 -3.25
C ILE D 57 16.19 15.42 -3.69
N LEU D 58 15.83 16.55 -4.32
CA LEU D 58 16.82 17.55 -4.70
C LEU D 58 17.32 18.20 -3.39
N ASN D 59 18.61 18.49 -3.35
CA ASN D 59 19.22 19.10 -2.12
C ASN D 59 20.18 20.15 -2.57
N LYS D 60 19.77 21.40 -2.39
CA LYS D 60 20.55 22.48 -2.88
C LYS D 60 20.46 23.60 -1.85
N ASP D 61 21.64 24.08 -1.41
CA ASP D 61 21.76 25.26 -0.52
C ASP D 61 20.87 25.11 0.72
N GLY D 62 20.93 23.92 1.27
CA GLY D 62 20.22 23.57 2.47
C GLY D 62 18.73 23.45 2.36
N GLN D 63 18.23 23.29 1.13
CA GLN D 63 16.80 23.17 0.94
C GLN D 63 16.56 21.85 0.21
N GLN D 64 15.57 21.11 0.65
CA GLN D 64 15.25 19.86 0.02
C GLN D 64 13.91 19.89 -0.70
N GLN D 65 13.81 19.21 -1.85
CA GLN D 65 12.59 19.25 -2.63
C GLN D 65 12.39 17.98 -3.41
N PRO D 66 11.22 17.29 -3.20
CA PRO D 66 10.91 16.07 -4.01
C PRO D 66 10.80 16.40 -5.47
N PHE D 67 11.30 15.46 -6.30
CA PHE D 67 11.26 15.62 -7.75
C PHE D 67 11.11 14.21 -8.34
N TYR D 68 10.44 14.08 -9.48
CA TYR D 68 10.26 12.82 -10.17
C TYR D 68 10.60 12.92 -11.62
N VAL D 69 11.04 11.82 -12.23
CA VAL D 69 11.14 11.68 -13.70
C VAL D 69 10.32 10.48 -14.07
N SER D 70 9.33 10.56 -14.94
CA SER D 70 8.50 9.40 -15.39
C SER D 70 8.78 8.97 -16.80
N PHE D 71 8.59 7.67 -17.03
CA PHE D 71 8.94 7.08 -18.32
C PHE D 71 7.71 6.33 -18.85
N ASP D 72 7.46 6.42 -20.15
CA ASP D 72 6.27 5.70 -20.65
C ASP D 72 6.57 4.20 -20.78
N GLY D 73 5.59 3.46 -21.34
CA GLY D 73 5.77 2.01 -21.47
C GLY D 73 6.88 1.62 -22.39
N SER D 74 7.36 2.54 -23.21
CA SER D 74 8.52 2.26 -24.07
C SER D 74 9.85 2.52 -23.35
N GLY D 75 9.78 3.04 -22.14
CA GLY D 75 10.98 3.31 -21.42
C GLY D 75 11.57 4.72 -21.62
N LYS D 76 10.78 5.66 -22.16
CA LYS D 76 11.28 6.96 -22.57
C LYS D 76 10.67 8.04 -21.70
N VAL D 77 11.46 9.06 -21.33
CA VAL D 77 10.88 10.12 -20.41
C VAL D 77 9.64 10.69 -21.01
N ASP D 78 8.59 10.79 -20.19
CA ASP D 78 7.36 11.49 -20.58
C ASP D 78 6.91 12.58 -19.63
N GLY D 79 7.64 12.73 -18.54
CA GLY D 79 7.19 13.72 -17.55
C GLY D 79 8.28 13.90 -16.53
N SER D 80 8.21 15.01 -15.83
CA SER D 80 8.98 15.27 -14.62
C SER D 80 8.30 16.33 -13.83
N GLY D 81 8.72 16.50 -12.62
CA GLY D 81 8.06 17.57 -11.83
C GLY D 81 8.43 17.54 -10.37
N PHE D 82 7.93 18.54 -9.67
CA PHE D 82 8.31 18.78 -8.26
C PHE D 82 7.45 18.11 -7.25
N LEU D 83 7.40 16.79 -7.36
CA LEU D 83 6.66 15.93 -6.42
C LEU D 83 7.20 14.51 -6.57
N SER D 84 6.88 13.66 -5.60
CA SER D 84 7.43 12.33 -5.58
C SER D 84 6.59 11.41 -6.49
N CYS D 85 7.12 10.21 -6.87
CA CYS D 85 6.42 9.26 -7.73
C CYS D 85 5.16 8.82 -6.99
N SER D 86 5.23 8.68 -5.67
CA SER D 86 4.05 8.17 -4.96
C SER D 86 2.94 9.24 -4.94
N GLU D 87 3.31 10.53 -4.84
CA GLU D 87 2.37 11.66 -4.94
CA GLU D 87 2.25 11.53 -4.90
C GLU D 87 1.77 11.71 -6.35
N LEU D 88 2.61 11.47 -7.36
CA LEU D 88 2.14 11.53 -8.74
C LEU D 88 1.07 10.42 -8.92
N ASP D 89 1.40 9.21 -8.44
CA ASP D 89 0.51 8.03 -8.54
C ASP D 89 -0.83 8.32 -7.89
N ARG D 90 -0.85 9.01 -6.76
CA ARG D 90 -2.16 9.35 -6.16
C ARG D 90 -2.87 10.40 -6.95
N HIS D 91 -2.15 11.37 -7.49
CA HIS D 91 -2.87 12.38 -8.26
C HIS D 91 -3.53 11.74 -9.44
N GLU D 92 -2.78 10.92 -10.17
CA GLU D 92 -3.34 10.17 -11.29
C GLU D 92 -4.37 9.09 -10.91
N ARG D 93 -4.50 8.79 -9.62
CA ARG D 93 -5.51 7.83 -9.18
C ARG D 93 -6.90 8.47 -9.12
N ASP D 94 -6.98 9.70 -8.60
CA ASP D 94 -8.27 10.39 -8.35
C ASP D 94 -9.02 10.86 -9.60
#